data_2IF8
#
_entry.id   2IF8
#
_cell.length_a   184.996
_cell.length_b   184.996
_cell.length_c   49.998
_cell.angle_alpha   90.00
_cell.angle_beta   90.00
_cell.angle_gamma   120.00
#
_symmetry.space_group_name_H-M   'P 63'
#
loop_
_entity.id
_entity.type
_entity.pdbx_description
1 polymer 'Inositol polyphosphate multikinase'
2 non-polymer 'MANGANESE (II) ION'
3 non-polymer 'CALCIUM ION'
4 non-polymer "ADENOSINE-5'-DIPHOSPHATE"
5 water water
#
_entity_poly.entity_id   1
_entity_poly.type   'polypeptide(L)'
_entity_poly.pdbx_seq_one_letter_code
;MDTVNNYRVLEHKAAGHDGTLTDGDGLLIFKPAFPQELEFYKAIQVRDVSRRKSSADGDAPLCSWMPTYLGVLNEGAKIE
QSGDAALLKIDERLSDSTDNLDSIPVKSEKSKQYLVLENLLYGFSKPNILDIKLGKTLYDSKASLEKRERMKRVSETTTS
GSLGFRICGMKIQKNPSVLNQLSLEYYEEEADSDYIFINKLYGRSRTDQNVSDAIELYFNNPHLSDARKHQLKKTFLKRL
QLFYNTMLEEEVRMISSSLLFIYEGDPERWELLNDVDKLMRDDFIDDDDDDDDNDDDDDDDAEGSSEGPKDKKTTGSLSS
MSLIDFAHSEITPGKGYDENVIEGVETLLDIFMKFLEHHHHHH
;
_entity_poly.pdbx_strand_id   A,B
#
# COMPACT_ATOMS: atom_id res chain seq x y z
N GLY A 26 -10.80 3.60 -32.75
CA GLY A 26 -10.46 2.30 -32.10
C GLY A 26 -11.11 2.14 -30.76
N LEU A 27 -12.45 2.09 -30.74
CA LEU A 27 -13.21 1.89 -29.51
C LEU A 27 -13.16 0.45 -29.01
N LEU A 28 -13.05 -0.49 -29.95
CA LEU A 28 -13.25 -1.89 -29.64
C LEU A 28 -12.07 -2.73 -30.11
N ILE A 29 -11.83 -3.82 -29.39
CA ILE A 29 -10.76 -4.78 -29.66
C ILE A 29 -11.45 -6.11 -29.95
N PHE A 30 -10.92 -6.86 -30.91
CA PHE A 30 -11.49 -8.14 -31.28
C PHE A 30 -10.48 -9.26 -31.06
N LYS A 31 -10.63 -10.01 -29.98
CA LYS A 31 -9.74 -11.10 -29.64
C LYS A 31 -10.34 -12.40 -30.15
N PRO A 32 -9.50 -13.36 -30.60
CA PRO A 32 -10.13 -14.64 -30.93
C PRO A 32 -10.65 -15.31 -29.65
N ALA A 33 -11.92 -15.69 -29.65
CA ALA A 33 -12.55 -16.20 -28.44
C ALA A 33 -12.04 -17.57 -28.06
N PHE A 34 -11.52 -17.69 -26.84
CA PHE A 34 -11.28 -18.98 -26.25
C PHE A 34 -12.39 -19.20 -25.26
N PRO A 35 -13.00 -20.41 -25.27
CA PRO A 35 -14.10 -20.67 -24.35
C PRO A 35 -13.80 -20.34 -22.88
N GLN A 36 -12.62 -20.70 -22.38
CA GLN A 36 -12.34 -20.42 -20.96
C GLN A 36 -12.34 -18.93 -20.64
N GLU A 37 -11.77 -18.11 -21.52
CA GLU A 37 -11.75 -16.65 -21.37
C GLU A 37 -13.16 -16.05 -21.50
N LEU A 38 -13.91 -16.46 -22.51
CA LEU A 38 -15.31 -16.09 -22.64
C LEU A 38 -16.07 -16.34 -21.32
N GLU A 39 -16.00 -17.57 -20.84
CA GLU A 39 -16.60 -17.96 -19.58
C GLU A 39 -16.18 -17.11 -18.38
N PHE A 40 -14.90 -16.73 -18.29
CA PHE A 40 -14.45 -15.91 -17.17
C PHE A 40 -15.06 -14.51 -17.19
N TYR A 41 -15.03 -13.85 -18.35
CA TYR A 41 -15.72 -12.57 -18.51
C TYR A 41 -17.21 -12.62 -18.16
N LYS A 42 -17.91 -13.67 -18.61
CA LYS A 42 -19.30 -13.86 -18.28
C LYS A 42 -19.49 -14.12 -16.78
N ALA A 43 -18.56 -14.83 -16.15
CA ALA A 43 -18.74 -15.16 -14.75
C ALA A 43 -18.54 -13.91 -13.86
N ILE A 44 -17.63 -13.03 -14.26
CA ILE A 44 -17.34 -11.80 -13.52
C ILE A 44 -18.40 -10.72 -13.78
N GLN A 45 -18.63 -10.40 -15.05
CA GLN A 45 -19.27 -9.14 -15.47
C GLN A 45 -20.78 -9.26 -15.74
N GLY A 58 -14.52 -1.10 1.27
CA GLY A 58 -14.61 -0.15 0.16
C GLY A 58 -13.67 -0.51 -1.00
N ASP A 59 -13.31 -1.78 -1.11
CA ASP A 59 -12.38 -2.19 -2.16
C ASP A 59 -13.02 -2.24 -3.55
N ALA A 60 -12.20 -1.97 -4.55
CA ALA A 60 -12.65 -2.02 -5.91
C ALA A 60 -12.88 -3.48 -6.33
N PRO A 61 -13.97 -3.77 -7.06
CA PRO A 61 -14.25 -5.12 -7.52
C PRO A 61 -13.37 -5.51 -8.70
N LEU A 62 -13.14 -6.81 -8.87
CA LEU A 62 -12.30 -7.31 -9.96
C LEU A 62 -12.61 -6.73 -11.34
N CYS A 63 -13.89 -6.51 -11.64
CA CYS A 63 -14.32 -6.18 -13.00
C CYS A 63 -13.93 -4.76 -13.33
N SER A 64 -13.72 -3.97 -12.29
CA SER A 64 -13.35 -2.60 -12.52
C SER A 64 -11.89 -2.49 -12.96
N TRP A 65 -11.10 -3.57 -12.81
CA TRP A 65 -9.72 -3.64 -13.31
C TRP A 65 -9.65 -4.21 -14.74
N MET A 66 -10.73 -4.84 -15.16
CA MET A 66 -10.75 -5.58 -16.42
C MET A 66 -11.24 -4.69 -17.57
N PRO A 67 -10.91 -5.02 -18.84
CA PRO A 67 -11.63 -4.35 -19.93
C PRO A 67 -13.12 -4.69 -19.88
N THR A 68 -13.97 -3.78 -20.32
CA THR A 68 -15.40 -4.07 -20.44
C THR A 68 -15.57 -5.12 -21.53
N TYR A 69 -16.19 -6.22 -21.16
CA TYR A 69 -16.55 -7.24 -22.08
C TYR A 69 -17.86 -6.80 -22.71
N LEU A 70 -17.93 -6.83 -24.05
CA LEU A 70 -19.14 -6.34 -24.71
C LEU A 70 -20.00 -7.40 -25.41
N GLY A 71 -19.37 -8.49 -25.86
CA GLY A 71 -20.09 -9.59 -26.48
C GLY A 71 -19.16 -10.39 -27.38
N VAL A 72 -19.74 -11.16 -28.29
CA VAL A 72 -18.98 -11.91 -29.30
C VAL A 72 -19.42 -11.49 -30.70
N LEU A 73 -18.48 -11.59 -31.65
CA LEU A 73 -18.76 -11.39 -33.05
C LEU A 73 -18.45 -12.71 -33.77
N ASN A 74 -19.37 -13.17 -34.62
CA ASN A 74 -19.12 -14.34 -35.47
C ASN A 74 -18.77 -13.92 -36.90
N GLU A 75 -17.57 -14.30 -37.36
CA GLU A 75 -16.98 -13.89 -38.64
C GLU A 75 -17.43 -14.80 -39.79
N SER A 111 -17.02 -20.71 -38.91
CA SER A 111 -16.87 -19.33 -38.43
C SER A 111 -15.72 -19.18 -37.45
N LYS A 112 -15.18 -17.96 -37.39
CA LYS A 112 -14.27 -17.56 -36.33
C LYS A 112 -15.07 -16.70 -35.35
N GLN A 113 -14.91 -16.98 -34.07
CA GLN A 113 -15.57 -16.21 -33.01
C GLN A 113 -14.55 -15.29 -32.32
N TYR A 114 -14.95 -14.04 -32.07
CA TYR A 114 -14.13 -13.01 -31.41
C TYR A 114 -14.77 -12.44 -30.15
N LEU A 115 -14.00 -12.33 -29.07
CA LEU A 115 -14.41 -11.53 -27.94
C LEU A 115 -14.37 -10.08 -28.36
N VAL A 116 -15.41 -9.33 -28.04
CA VAL A 116 -15.36 -7.91 -28.23
C VAL A 116 -15.15 -7.24 -26.88
N LEU A 117 -14.08 -6.48 -26.78
CA LEU A 117 -13.70 -5.79 -25.55
C LEU A 117 -13.49 -4.32 -25.83
N GLU A 118 -13.71 -3.51 -24.81
CA GLU A 118 -13.29 -2.12 -24.86
C GLU A 118 -11.79 -2.06 -25.13
N ASN A 119 -11.40 -1.11 -25.96
CA ASN A 119 -10.00 -0.81 -26.24
C ASN A 119 -9.43 0.08 -25.16
N LEU A 120 -8.54 -0.50 -24.36
CA LEU A 120 -7.88 0.22 -23.27
C LEU A 120 -7.00 1.39 -23.74
N LEU A 121 -6.55 1.34 -25.00
CA LEU A 121 -5.75 2.40 -25.65
C LEU A 121 -6.56 3.61 -26.14
N TYR A 122 -7.87 3.47 -26.23
CA TYR A 122 -8.73 4.55 -26.66
C TYR A 122 -8.60 5.82 -25.84
N GLY A 123 -8.42 6.94 -26.54
CA GLY A 123 -8.31 8.25 -25.89
C GLY A 123 -6.87 8.67 -25.54
N PHE A 124 -5.90 7.80 -25.80
CA PHE A 124 -4.50 8.18 -25.57
C PHE A 124 -3.96 8.76 -26.86
N SER A 125 -3.23 9.85 -26.75
CA SER A 125 -2.53 10.41 -27.90
C SER A 125 -1.33 9.52 -28.25
N LYS A 126 -0.43 9.37 -27.28
CA LYS A 126 0.78 8.59 -27.46
C LYS A 126 0.86 7.53 -26.31
N PRO A 127 0.07 6.43 -26.40
CA PRO A 127 0.12 5.44 -25.30
C PRO A 127 1.46 4.72 -25.23
N ASN A 128 2.01 4.62 -24.03
CA ASN A 128 3.21 3.84 -23.76
C ASN A 128 2.81 2.62 -22.88
N ILE A 129 3.07 1.41 -23.38
CA ILE A 129 2.41 0.19 -22.88
C ILE A 129 3.39 -0.85 -22.32
N LEU A 130 3.07 -1.39 -21.14
CA LEU A 130 3.87 -2.42 -20.45
C LEU A 130 2.96 -3.55 -20.08
N ASP A 131 3.36 -4.76 -20.45
CA ASP A 131 2.66 -5.98 -20.12
C ASP A 131 3.48 -6.82 -19.12
N ILE A 132 2.96 -6.95 -17.91
CA ILE A 132 3.57 -7.80 -16.90
C ILE A 132 2.72 -9.05 -16.60
N LYS A 133 3.23 -10.25 -16.88
CA LYS A 133 2.54 -11.51 -16.49
C LYS A 133 2.61 -11.72 -14.98
N LEU A 134 1.47 -12.09 -14.39
CA LEU A 134 1.38 -12.31 -12.96
C LEU A 134 1.38 -13.80 -12.55
N GLY A 135 2.14 -14.12 -11.50
CA GLY A 135 2.12 -15.42 -10.87
C GLY A 135 3.46 -16.09 -10.84
N LYS A 136 3.72 -16.88 -9.80
CA LYS A 136 4.87 -17.79 -9.78
C LYS A 136 4.63 -19.04 -10.60
N THR A 137 3.47 -19.67 -10.37
CA THR A 137 3.03 -20.85 -11.10
C THR A 137 2.36 -20.39 -12.40
N LEU A 138 2.81 -20.95 -13.53
CA LEU A 138 2.36 -20.46 -14.83
C LEU A 138 1.50 -21.44 -15.64
N TYR A 139 1.06 -22.53 -15.00
CA TYR A 139 0.14 -23.51 -15.61
C TYR A 139 -1.10 -23.66 -14.74
N ASP A 140 -2.21 -24.07 -15.38
CA ASP A 140 -3.50 -24.26 -14.71
C ASP A 140 -3.84 -25.74 -14.48
N SER A 141 -4.99 -25.99 -13.85
CA SER A 141 -5.42 -27.36 -13.50
C SER A 141 -5.42 -28.33 -14.69
N LYS A 142 -5.64 -27.82 -15.90
CA LYS A 142 -5.93 -28.65 -17.07
C LYS A 142 -4.76 -28.72 -18.04
N ALA A 143 -3.64 -28.09 -17.68
CA ALA A 143 -2.45 -28.04 -18.53
C ALA A 143 -1.89 -29.43 -18.84
N SER A 144 -1.77 -29.76 -20.13
CA SER A 144 -1.17 -31.02 -20.55
C SER A 144 0.22 -31.09 -19.95
N LEU A 145 0.65 -32.26 -19.50
CA LEU A 145 1.93 -32.38 -18.76
C LEU A 145 3.16 -31.97 -19.59
N GLU A 146 3.06 -32.10 -20.91
CA GLU A 146 4.11 -31.68 -21.84
C GLU A 146 4.39 -30.18 -21.69
N LYS A 147 3.32 -29.38 -21.59
CA LYS A 147 3.45 -27.93 -21.50
C LYS A 147 3.44 -27.38 -20.06
N ARG A 148 2.98 -28.19 -19.11
CA ARG A 148 3.16 -27.94 -17.68
C ARG A 148 4.64 -27.94 -17.30
N GLU A 149 5.42 -28.82 -17.93
CA GLU A 149 6.87 -28.87 -17.76
C GLU A 149 7.55 -27.67 -18.41
N ARG A 150 7.03 -27.24 -19.56
CA ARG A 150 7.45 -25.98 -20.19
C ARG A 150 7.23 -24.75 -19.29
N MET A 151 6.06 -24.68 -18.64
CA MET A 151 5.70 -23.53 -17.82
C MET A 151 6.41 -23.50 -16.48
N LYS A 152 6.89 -24.65 -16.02
CA LYS A 152 7.78 -24.73 -14.85
C LYS A 152 9.14 -24.17 -15.24
N ARG A 153 9.54 -24.41 -16.49
CA ARG A 153 10.83 -24.00 -17.01
C ARG A 153 10.88 -22.47 -17.18
N VAL A 154 9.83 -21.89 -17.74
CA VAL A 154 9.67 -20.44 -17.85
C VAL A 154 9.70 -19.76 -16.48
N SER A 155 9.02 -20.34 -15.52
CA SER A 155 8.95 -19.79 -14.17
C SER A 155 10.29 -19.82 -13.44
N GLU A 156 11.06 -20.89 -13.66
CA GLU A 156 12.28 -21.11 -12.90
C GLU A 156 13.46 -20.31 -13.43
N THR A 157 13.36 -19.85 -14.69
CA THR A 157 14.45 -19.11 -15.36
C THR A 157 14.16 -17.61 -15.60
N THR A 158 13.02 -17.15 -15.15
CA THR A 158 12.65 -15.76 -15.27
C THR A 158 12.28 -15.24 -13.88
N THR A 159 11.89 -13.97 -13.78
CA THR A 159 11.49 -13.39 -12.50
C THR A 159 10.14 -13.91 -12.05
N SER A 160 9.44 -14.66 -12.91
CA SER A 160 8.13 -15.20 -12.51
C SER A 160 8.26 -16.08 -11.29
N GLY A 161 9.15 -17.07 -11.35
CA GLY A 161 9.27 -18.04 -10.28
C GLY A 161 9.84 -17.49 -8.97
N SER A 162 10.65 -16.42 -9.05
CA SER A 162 11.26 -15.85 -7.85
C SER A 162 10.52 -14.64 -7.30
N LEU A 163 10.03 -13.77 -8.18
CA LEU A 163 9.31 -12.54 -7.81
C LEU A 163 7.77 -12.59 -7.92
N GLY A 164 7.23 -13.49 -8.74
CA GLY A 164 5.78 -13.57 -8.95
C GLY A 164 5.27 -12.75 -10.12
N PHE A 165 6.18 -12.11 -10.85
CA PHE A 165 5.81 -11.37 -12.07
C PHE A 165 6.96 -11.43 -13.04
N ARG A 166 6.68 -11.32 -14.32
CA ARG A 166 7.73 -10.99 -15.27
C ARG A 166 7.22 -10.05 -16.38
N ILE A 167 8.15 -9.26 -16.89
CA ILE A 167 7.91 -8.42 -18.04
C ILE A 167 7.77 -9.28 -19.28
N CYS A 168 6.68 -9.05 -19.96
CA CYS A 168 6.28 -9.79 -21.09
C CYS A 168 6.60 -8.99 -22.38
N GLY A 169 6.38 -7.69 -22.37
CA GLY A 169 6.75 -6.82 -23.49
C GLY A 169 6.40 -5.37 -23.23
N MET A 170 6.97 -4.48 -24.03
CA MET A 170 6.58 -3.08 -23.98
C MET A 170 6.44 -2.57 -25.38
N LYS A 171 5.60 -1.58 -25.55
CA LYS A 171 5.55 -0.78 -26.76
C LYS A 171 5.65 0.69 -26.33
N ILE A 172 6.82 1.29 -26.53
CA ILE A 172 7.07 2.62 -25.99
C ILE A 172 7.71 3.55 -27.03
N GLN A 173 7.56 4.85 -26.84
CA GLN A 173 8.30 5.83 -27.62
C GLN A 173 9.76 5.76 -27.26
N LYS A 174 10.62 5.68 -28.27
CA LYS A 174 12.07 5.58 -28.04
C LYS A 174 12.69 6.83 -27.44
N ASN A 175 13.43 6.62 -26.34
CA ASN A 175 14.36 7.62 -25.81
C ASN A 175 15.71 7.32 -26.47
N PRO A 176 16.24 8.22 -27.34
CA PRO A 176 17.55 7.92 -27.96
C PRO A 176 18.59 7.41 -26.94
N SER A 177 18.82 8.21 -25.90
CA SER A 177 19.53 7.82 -24.67
C SER A 177 19.37 6.33 -24.25
N VAL A 178 18.22 5.92 -23.74
CA VAL A 178 17.92 4.46 -23.64
C VAL A 178 18.47 3.64 -24.82
N LEU A 179 17.84 3.77 -26.00
CA LEU A 179 18.13 2.95 -27.21
C LEU A 179 19.57 2.49 -27.39
N ASN A 180 20.52 3.40 -27.21
CA ASN A 180 21.92 3.09 -27.45
C ASN A 180 22.47 2.00 -26.53
N GLN A 181 21.99 2.00 -25.28
CA GLN A 181 22.40 1.01 -24.29
C GLN A 181 21.78 -0.39 -24.51
N LEU A 182 20.63 -0.45 -25.17
CA LEU A 182 19.89 -1.71 -25.37
C LEU A 182 20.33 -2.47 -26.63
N SER A 183 20.62 -3.74 -26.46
CA SER A 183 21.01 -4.59 -27.57
C SER A 183 19.87 -4.77 -28.57
N LEU A 184 20.25 -4.86 -29.83
CA LEU A 184 19.33 -4.94 -30.96
C LEU A 184 18.41 -6.17 -30.95
N GLU A 185 18.83 -7.24 -30.29
CA GLU A 185 17.97 -8.42 -30.24
C GLU A 185 16.79 -8.29 -29.28
N TYR A 186 16.74 -7.16 -28.55
CA TYR A 186 15.71 -6.91 -27.55
C TYR A 186 14.53 -6.06 -28.02
N TYR A 187 14.65 -5.42 -29.17
CA TYR A 187 13.55 -4.59 -29.66
C TYR A 187 13.40 -4.58 -31.18
N GLU A 188 12.23 -4.17 -31.65
CA GLU A 188 11.95 -3.92 -33.06
C GLU A 188 11.57 -2.47 -33.21
N GLU A 189 12.25 -1.80 -34.13
CA GLU A 189 12.01 -0.39 -34.39
C GLU A 189 11.12 -0.26 -35.63
N GLU A 190 11.26 0.86 -36.33
CA GLU A 190 10.54 1.18 -37.59
C GLU A 190 10.88 2.61 -38.04
N ALA A 191 10.93 2.82 -39.37
CA ALA A 191 11.15 4.17 -39.92
C ALA A 191 9.83 4.95 -40.00
N ASP A 192 8.70 4.24 -39.87
CA ASP A 192 7.42 4.91 -39.98
C ASP A 192 6.99 5.62 -38.67
N SER A 193 7.69 5.37 -37.56
CA SER A 193 7.20 5.84 -36.25
C SER A 193 8.27 6.06 -35.19
N ASP A 194 7.86 6.71 -34.10
CA ASP A 194 8.71 6.89 -32.93
C ASP A 194 8.58 5.77 -31.89
N TYR A 195 7.94 4.65 -32.22
CA TYR A 195 7.80 3.57 -31.25
C TYR A 195 8.79 2.42 -31.41
N ILE A 196 9.17 1.82 -30.29
CA ILE A 196 9.83 0.50 -30.34
C ILE A 196 8.97 -0.54 -29.67
N PHE A 197 9.01 -1.75 -30.21
CA PHE A 197 8.49 -2.90 -29.48
C PHE A 197 9.64 -3.60 -28.73
N ILE A 198 9.62 -3.54 -27.39
CA ILE A 198 10.55 -4.33 -26.58
C ILE A 198 9.97 -5.76 -26.35
N ASN A 199 10.72 -6.77 -26.77
CA ASN A 199 10.15 -8.12 -26.95
C ASN A 199 10.22 -9.02 -25.70
N LYS A 200 9.66 -10.24 -25.81
CA LYS A 200 9.70 -11.28 -24.75
C LYS A 200 11.10 -11.73 -24.28
N LEU A 201 12.05 -11.74 -25.20
CA LEU A 201 13.43 -12.07 -24.90
C LEU A 201 14.06 -11.12 -23.87
N TYR A 202 13.74 -9.83 -23.97
CA TYR A 202 14.11 -8.83 -22.97
C TYR A 202 13.52 -9.15 -21.61
N GLY A 203 12.22 -9.42 -21.56
CA GLY A 203 11.56 -9.77 -20.31
C GLY A 203 12.08 -11.02 -19.63
N ARG A 204 12.25 -12.08 -20.42
CA ARG A 204 12.79 -13.36 -19.93
C ARG A 204 14.22 -13.30 -19.40
N SER A 205 15.00 -12.34 -19.87
CA SER A 205 16.41 -12.25 -19.48
C SER A 205 16.69 -11.32 -18.29
N ARG A 206 15.64 -10.65 -17.77
CA ARG A 206 15.75 -9.82 -16.59
C ARG A 206 16.06 -10.69 -15.35
N THR A 207 16.87 -10.16 -14.44
CA THR A 207 17.13 -10.84 -13.19
C THR A 207 16.31 -10.20 -12.06
N ASP A 208 16.28 -10.86 -10.91
CA ASP A 208 15.59 -10.28 -9.77
C ASP A 208 16.10 -8.88 -9.51
N GLN A 209 17.38 -8.68 -9.77
CA GLN A 209 18.00 -7.43 -9.37
C GLN A 209 17.96 -6.36 -10.44
N ASN A 210 17.83 -6.73 -11.70
CA ASN A 210 17.76 -5.71 -12.74
C ASN A 210 16.35 -5.47 -13.32
N VAL A 211 15.37 -6.26 -12.91
CA VAL A 211 14.01 -6.06 -13.40
C VAL A 211 13.44 -4.67 -13.04
N SER A 212 13.82 -4.12 -11.90
CA SER A 212 13.25 -2.84 -11.56
C SER A 212 13.75 -1.75 -12.51
N ASP A 213 15.00 -1.86 -12.97
CA ASP A 213 15.53 -1.00 -14.03
C ASP A 213 14.78 -1.15 -15.35
N ALA A 214 14.32 -2.37 -15.65
CA ALA A 214 13.42 -2.59 -16.79
C ALA A 214 12.13 -1.77 -16.71
N ILE A 215 11.56 -1.66 -15.49
CA ILE A 215 10.35 -0.89 -15.27
C ILE A 215 10.62 0.62 -15.35
N GLU A 216 11.79 1.07 -14.88
CA GLU A 216 12.24 2.45 -15.02
C GLU A 216 12.40 2.90 -16.46
N LEU A 217 13.08 2.07 -17.27
CA LEU A 217 13.13 2.17 -18.73
C LEU A 217 11.77 2.44 -19.34
N TYR A 218 10.75 1.71 -18.86
CA TYR A 218 9.37 1.90 -19.31
C TYR A 218 8.87 3.34 -19.13
N PHE A 219 9.08 3.90 -17.93
CA PHE A 219 8.62 5.28 -17.63
C PHE A 219 9.57 6.36 -18.16
N ASN A 220 10.72 5.97 -18.68
CA ASN A 220 11.73 6.96 -19.07
C ASN A 220 11.43 7.60 -20.43
N ASN A 221 10.25 8.17 -20.56
CA ASN A 221 9.79 8.81 -21.81
C ASN A 221 10.53 10.14 -22.03
N PRO A 222 11.06 10.37 -23.25
CA PRO A 222 11.84 11.58 -23.53
C PRO A 222 11.02 12.88 -23.46
N HIS A 223 9.71 12.75 -23.59
CA HIS A 223 8.80 13.90 -23.66
C HIS A 223 8.29 14.38 -22.30
N LEU A 224 8.41 13.56 -21.26
CA LEU A 224 7.84 13.91 -19.95
C LEU A 224 8.90 14.40 -19.01
N SER A 225 8.54 15.37 -18.18
CA SER A 225 9.47 15.89 -17.20
C SER A 225 9.73 14.82 -16.15
N ASP A 226 10.77 15.02 -15.35
CA ASP A 226 11.01 14.21 -14.15
C ASP A 226 9.83 14.33 -13.15
N ALA A 227 9.23 15.53 -13.06
CA ALA A 227 8.02 15.75 -12.23
C ALA A 227 6.84 14.86 -12.64
N ARG A 228 6.57 14.79 -13.93
CA ARG A 228 5.42 14.04 -14.44
C ARG A 228 5.63 12.56 -14.30
N LYS A 229 6.87 12.10 -14.50
CA LYS A 229 7.29 10.71 -14.35
C LYS A 229 7.22 10.24 -12.89
N HIS A 230 7.73 11.05 -11.99
CA HIS A 230 7.50 10.86 -10.55
C HIS A 230 5.99 10.71 -10.25
N GLN A 231 5.19 11.69 -10.67
CA GLN A 231 3.73 11.58 -10.54
C GLN A 231 3.20 10.24 -11.02
N LEU A 232 3.59 9.79 -12.22
CA LEU A 232 3.16 8.48 -12.74
C LEU A 232 3.54 7.30 -11.87
N LYS A 233 4.70 7.33 -11.25
CA LYS A 233 5.17 6.21 -10.43
C LYS A 233 4.37 6.12 -9.14
N LYS A 234 4.05 7.28 -8.57
CA LYS A 234 3.20 7.40 -7.39
C LYS A 234 1.78 6.94 -7.74
N THR A 235 1.28 7.31 -8.90
CA THR A 235 -0.05 6.87 -9.31
C THR A 235 -0.17 5.35 -9.44
N PHE A 236 0.81 4.69 -10.07
CA PHE A 236 0.76 3.23 -10.13
C PHE A 236 1.03 2.55 -8.79
N LEU A 237 1.87 3.12 -7.93
CA LEU A 237 2.01 2.57 -6.59
C LEU A 237 0.63 2.44 -5.95
N LYS A 238 -0.18 3.48 -6.08
CA LYS A 238 -1.48 3.56 -5.46
C LYS A 238 -2.47 2.59 -6.07
N ARG A 239 -2.44 2.50 -7.39
CA ARG A 239 -3.22 1.49 -8.11
C ARG A 239 -2.81 0.08 -7.71
N LEU A 240 -1.51 -0.13 -7.47
CA LEU A 240 -1.03 -1.44 -6.99
C LEU A 240 -1.50 -1.78 -5.57
N GLN A 241 -1.52 -0.76 -4.71
CA GLN A 241 -2.11 -0.84 -3.36
C GLN A 241 -3.57 -1.24 -3.47
N LEU A 242 -4.33 -0.53 -4.28
CA LEU A 242 -5.75 -0.84 -4.53
C LEU A 242 -5.99 -2.26 -5.10
N PHE A 243 -5.19 -2.67 -6.08
CA PHE A 243 -5.33 -3.97 -6.77
C PHE A 243 -4.95 -5.09 -5.80
N TYR A 244 -3.95 -4.84 -4.98
CA TYR A 244 -3.63 -5.73 -3.88
C TYR A 244 -4.82 -5.94 -2.92
N ASN A 245 -5.43 -4.83 -2.49
CA ASN A 245 -6.62 -4.88 -1.66
C ASN A 245 -7.81 -5.63 -2.32
N THR A 246 -8.06 -5.36 -3.61
CA THR A 246 -9.02 -6.15 -4.40
C THR A 246 -8.71 -7.65 -4.27
N MET A 247 -7.45 -8.03 -4.50
CA MET A 247 -7.04 -9.44 -4.61
C MET A 247 -7.16 -10.27 -3.33
N LEU A 248 -7.17 -9.61 -2.17
CA LEU A 248 -7.26 -10.29 -0.90
C LEU A 248 -8.65 -10.84 -0.71
N GLU A 249 -9.58 -10.28 -1.48
CA GLU A 249 -11.00 -10.51 -1.32
C GLU A 249 -11.53 -11.34 -2.46
N GLU A 250 -10.77 -11.46 -3.56
CA GLU A 250 -11.30 -12.12 -4.75
C GLU A 250 -11.01 -13.61 -4.76
N GLU A 251 -12.04 -14.39 -4.97
CA GLU A 251 -11.89 -15.82 -5.00
C GLU A 251 -11.88 -16.27 -6.46
N VAL A 252 -10.68 -16.28 -7.01
CA VAL A 252 -10.41 -16.57 -8.41
C VAL A 252 -9.08 -17.31 -8.42
N ARG A 253 -8.80 -17.97 -9.53
CA ARG A 253 -7.46 -18.46 -9.79
C ARG A 253 -7.14 -18.02 -11.19
N MET A 254 -6.16 -17.14 -11.33
CA MET A 254 -5.81 -16.65 -12.64
C MET A 254 -4.43 -17.08 -12.98
N ILE A 255 -4.31 -17.84 -14.06
CA ILE A 255 -3.03 -18.32 -14.53
C ILE A 255 -2.63 -17.53 -15.77
N SER A 256 -1.41 -16.96 -15.79
CA SER A 256 -0.94 -16.18 -16.98
C SER A 256 -1.81 -14.95 -17.37
N SER A 257 -2.40 -14.29 -16.39
CA SER A 257 -3.00 -13.02 -16.62
C SER A 257 -1.89 -11.95 -16.57
N SER A 258 -2.13 -10.79 -17.18
CA SER A 258 -1.16 -9.70 -17.17
C SER A 258 -1.76 -8.44 -16.55
N LEU A 259 -0.93 -7.66 -15.88
CA LEU A 259 -1.22 -6.26 -15.69
C LEU A 259 -0.79 -5.48 -16.92
N LEU A 260 -1.66 -4.61 -17.39
CA LEU A 260 -1.36 -3.79 -18.53
C LEU A 260 -1.26 -2.37 -18.02
N PHE A 261 -0.06 -1.82 -18.12
CA PHE A 261 0.17 -0.42 -17.77
C PHE A 261 0.09 0.36 -19.05
N ILE A 262 -0.60 1.48 -18.99
CA ILE A 262 -0.58 2.47 -20.06
C ILE A 262 -0.35 3.86 -19.49
N TYR A 263 0.48 4.63 -20.16
CA TYR A 263 0.58 6.04 -19.83
C TYR A 263 0.66 6.91 -21.11
N GLU A 264 0.19 8.15 -20.96
CA GLU A 264 0.23 9.15 -22.00
C GLU A 264 1.64 9.73 -22.19
N GLY A 265 2.23 9.52 -23.36
CA GLY A 265 3.51 10.14 -23.72
C GLY A 265 3.44 11.52 -24.36
N ASP A 266 2.24 11.96 -24.70
CA ASP A 266 2.08 13.30 -25.29
C ASP A 266 1.88 14.40 -24.23
N PRO A 267 2.90 15.27 -24.03
CA PRO A 267 2.84 16.34 -23.04
C PRO A 267 1.69 17.35 -23.25
N GLU A 268 1.22 17.45 -24.50
CA GLU A 268 0.08 18.31 -24.85
C GLU A 268 -1.20 17.80 -24.23
N ARG A 269 -1.29 16.48 -24.16
CA ARG A 269 -2.46 15.85 -23.55
C ARG A 269 -2.43 15.99 -22.02
N TRP A 270 -1.26 15.95 -21.42
CA TRP A 270 -1.05 16.30 -20.02
C TRP A 270 -1.57 17.71 -19.71
N GLU A 271 -1.20 18.68 -20.55
CA GLU A 271 -1.67 20.07 -20.45
C GLU A 271 -3.16 20.17 -20.58
N LEU A 272 -3.70 19.53 -21.59
CA LEU A 272 -5.14 19.48 -21.75
C LEU A 272 -5.84 19.00 -20.46
N LEU A 273 -5.31 17.93 -19.84
CA LEU A 273 -5.92 17.38 -18.60
C LEU A 273 -5.38 18.03 -17.31
N ASN A 274 -4.50 19.03 -17.46
CA ASN A 274 -3.92 19.77 -16.32
C ASN A 274 -3.20 18.88 -15.30
N ASP A 275 -2.47 17.89 -15.81
CA ASP A 275 -1.76 16.85 -15.02
C ASP A 275 -2.61 16.00 -14.09
N VAL A 276 -3.93 16.06 -14.28
CA VAL A 276 -4.89 15.33 -13.49
C VAL A 276 -5.14 13.96 -14.08
N ASP A 277 -4.77 12.95 -13.31
CA ASP A 277 -4.99 11.59 -13.68
C ASP A 277 -6.22 11.05 -12.94
N LYS A 278 -6.65 9.85 -13.26
CA LYS A 278 -7.69 9.25 -12.46
C LYS A 278 -7.15 7.95 -12.01
N LEU A 279 -7.22 7.73 -10.70
CA LEU A 279 -6.72 6.52 -10.10
C LEU A 279 -7.39 5.32 -10.74
N MET A 280 -8.71 5.32 -10.83
CA MET A 280 -9.44 4.25 -11.46
C MET A 280 -9.90 4.62 -12.85
N ARG A 281 -9.80 3.68 -13.77
CA ARG A 281 -10.13 3.90 -15.16
C ARG A 281 -11.62 4.25 -15.30
N ASP A 282 -11.94 5.15 -16.23
CA ASP A 282 -13.34 5.52 -16.45
C ASP A 282 -14.26 4.37 -16.84
N ASP A 283 -15.54 4.51 -16.52
CA ASP A 283 -16.49 3.49 -16.96
C ASP A 283 -16.82 3.66 -18.44
N PHE A 284 -16.72 2.54 -19.17
CA PHE A 284 -16.94 2.52 -20.61
C PHE A 284 -18.43 2.58 -20.98
N ILE A 285 -19.25 1.95 -20.14
CA ILE A 285 -20.70 1.84 -20.36
C ILE A 285 -21.53 2.92 -19.63
N ASP A 286 -21.15 3.24 -18.39
CA ASP A 286 -21.82 4.26 -17.58
C ASP A 286 -21.01 4.68 -16.34
N SER A 317 -8.07 9.94 -18.56
CA SER A 317 -6.89 9.22 -18.08
C SER A 317 -5.57 9.63 -18.75
N LEU A 318 -4.63 10.08 -17.93
CA LEU A 318 -3.22 10.21 -18.33
C LEU A 318 -2.43 8.87 -18.24
N SER A 319 -3.00 7.89 -17.53
CA SER A 319 -2.48 6.53 -17.47
C SER A 319 -3.55 5.58 -16.98
N SER A 320 -3.30 4.29 -17.09
CA SER A 320 -4.18 3.28 -16.53
C SER A 320 -3.41 1.99 -16.14
N MET A 321 -3.94 1.22 -15.20
CA MET A 321 -3.45 -0.13 -14.95
C MET A 321 -4.65 -1.06 -15.04
N SER A 322 -4.58 -2.07 -15.90
CA SER A 322 -5.68 -3.00 -16.09
C SER A 322 -5.20 -4.45 -15.94
N LEU A 323 -6.15 -5.35 -15.79
CA LEU A 323 -5.92 -6.77 -15.71
C LEU A 323 -6.53 -7.40 -16.96
N ILE A 324 -5.73 -8.16 -17.71
CA ILE A 324 -6.16 -8.72 -18.98
C ILE A 324 -5.79 -10.20 -19.11
N ASP A 325 -6.43 -10.87 -20.06
CA ASP A 325 -5.96 -12.19 -20.52
C ASP A 325 -6.41 -13.36 -19.62
N PHE A 326 -7.60 -13.88 -19.89
CA PHE A 326 -8.23 -14.77 -18.93
C PHE A 326 -8.48 -16.17 -19.49
N ALA A 327 -7.67 -16.58 -20.46
CA ALA A 327 -7.80 -17.90 -21.09
C ALA A 327 -7.50 -19.04 -20.12
N HIS A 328 -6.79 -18.74 -19.02
CA HIS A 328 -6.49 -19.72 -17.99
C HIS A 328 -6.94 -19.27 -16.61
N SER A 329 -8.06 -18.55 -16.57
CA SER A 329 -8.60 -18.03 -15.32
C SER A 329 -9.96 -18.65 -15.02
N GLU A 330 -10.26 -18.78 -13.73
CA GLU A 330 -11.58 -19.20 -13.35
C GLU A 330 -11.96 -18.59 -12.02
N ILE A 331 -13.28 -18.42 -11.85
CA ILE A 331 -13.88 -17.98 -10.58
C ILE A 331 -13.93 -19.22 -9.72
N THR A 332 -13.50 -19.08 -8.46
CA THR A 332 -13.46 -20.21 -7.54
C THR A 332 -14.08 -19.81 -6.20
N PRO A 333 -15.43 -19.60 -6.18
CA PRO A 333 -16.15 -19.15 -4.97
C PRO A 333 -15.99 -20.11 -3.79
N GLY A 334 -15.69 -19.58 -2.61
CA GLY A 334 -15.40 -20.39 -1.43
C GLY A 334 -13.94 -20.77 -1.24
N LYS A 335 -13.15 -20.68 -2.29
CA LYS A 335 -11.79 -21.26 -2.31
C LYS A 335 -10.69 -20.29 -1.92
N GLY A 336 -11.10 -19.10 -1.49
CA GLY A 336 -10.21 -18.09 -0.98
C GLY A 336 -9.45 -17.37 -2.06
N TYR A 337 -8.61 -16.43 -1.62
CA TYR A 337 -7.94 -15.50 -2.51
C TYR A 337 -6.80 -16.18 -3.30
N ASP A 338 -6.33 -15.54 -4.37
CA ASP A 338 -5.33 -16.06 -5.31
C ASP A 338 -3.96 -15.63 -4.87
N GLU A 339 -3.33 -16.43 -4.03
CA GLU A 339 -2.04 -16.10 -3.45
C GLU A 339 -0.89 -16.12 -4.46
N ASN A 340 -0.97 -17.03 -5.43
CA ASN A 340 -0.05 -17.06 -6.56
C ASN A 340 0.09 -15.68 -7.28
N VAL A 341 -1.05 -15.08 -7.61
CA VAL A 341 -1.07 -13.74 -8.21
C VAL A 341 -0.63 -12.61 -7.23
N ILE A 342 -1.12 -12.67 -5.98
CA ILE A 342 -0.83 -11.64 -4.97
C ILE A 342 0.66 -11.48 -4.71
N GLU A 343 1.38 -12.60 -4.79
CA GLU A 343 2.80 -12.60 -4.60
C GLU A 343 3.54 -11.70 -5.55
N GLY A 344 3.09 -11.60 -6.79
CA GLY A 344 3.70 -10.72 -7.77
C GLY A 344 3.36 -9.27 -7.54
N VAL A 345 2.13 -9.01 -7.10
CA VAL A 345 1.65 -7.66 -6.73
C VAL A 345 2.46 -7.09 -5.56
N GLU A 346 2.68 -7.92 -4.54
CA GLU A 346 3.56 -7.56 -3.41
C GLU A 346 4.98 -7.16 -3.84
N THR A 347 5.54 -7.86 -4.82
CA THR A 347 6.88 -7.56 -5.32
C THR A 347 6.87 -6.26 -6.13
N LEU A 348 5.81 -6.05 -6.90
CA LEU A 348 5.63 -4.77 -7.58
C LEU A 348 5.47 -3.60 -6.63
N LEU A 349 4.70 -3.77 -5.55
CA LEU A 349 4.63 -2.73 -4.49
C LEU A 349 6.01 -2.38 -3.92
N ASP A 350 6.81 -3.40 -3.55
CA ASP A 350 8.17 -3.17 -3.06
C ASP A 350 9.01 -2.38 -4.07
N ILE A 351 8.98 -2.80 -5.33
CA ILE A 351 9.68 -2.10 -6.42
C ILE A 351 9.26 -0.62 -6.57
N PHE A 352 7.96 -0.35 -6.66
CA PHE A 352 7.48 1.02 -6.75
C PHE A 352 7.77 1.87 -5.49
N MET A 353 7.77 1.27 -4.32
CA MET A 353 8.21 2.00 -3.13
C MET A 353 9.69 2.37 -3.16
N LYS A 354 10.54 1.51 -3.74
CA LYS A 354 11.92 1.84 -3.98
C LYS A 354 12.06 3.02 -4.95
N PHE A 355 11.25 3.06 -6.00
CA PHE A 355 11.28 4.20 -6.91
C PHE A 355 11.12 5.51 -6.13
N LEU A 356 10.19 5.53 -5.17
CA LEU A 356 9.82 6.77 -4.53
C LEU A 356 10.70 7.12 -3.34
N GLU A 357 11.61 6.21 -3.00
CA GLU A 357 12.44 6.35 -1.80
C GLU A 357 13.47 7.48 -1.88
N ASP B 25 -12.19 12.58 28.80
CA ASP B 25 -13.12 11.39 28.54
C ASP B 25 -14.35 11.81 27.72
N GLY B 26 -14.38 13.10 27.42
CA GLY B 26 -15.42 13.72 26.65
C GLY B 26 -14.87 13.96 25.27
N LEU B 27 -15.48 14.89 24.55
CA LEU B 27 -15.09 15.25 23.19
C LEU B 27 -13.66 15.74 23.09
N LEU B 28 -13.17 16.41 24.11
CA LEU B 28 -11.92 17.16 24.01
C LEU B 28 -10.89 16.67 25.03
N ILE B 29 -9.61 16.82 24.67
CA ILE B 29 -8.49 16.62 25.59
C ILE B 29 -7.81 17.96 25.85
N PHE B 30 -7.34 18.15 27.08
CA PHE B 30 -6.63 19.37 27.46
C PHE B 30 -5.22 19.00 27.86
N LYS B 31 -4.34 18.98 26.86
CA LYS B 31 -3.00 18.46 27.01
C LYS B 31 -2.02 19.60 27.26
N PRO B 32 -1.29 19.54 28.39
CA PRO B 32 -0.22 20.50 28.67
C PRO B 32 0.90 20.38 27.66
N ALA B 33 1.18 21.45 26.91
CA ALA B 33 2.10 21.33 25.79
C ALA B 33 3.27 22.32 25.82
N PHE B 34 4.42 21.87 25.31
CA PHE B 34 5.59 22.71 25.15
C PHE B 34 5.40 23.55 23.89
N PRO B 35 6.02 24.74 23.84
CA PRO B 35 5.98 25.64 22.68
C PRO B 35 6.17 24.99 21.29
N GLN B 36 7.12 24.07 21.13
CA GLN B 36 7.38 23.44 19.83
C GLN B 36 6.20 22.61 19.33
N GLU B 37 5.42 22.06 20.24
CA GLU B 37 4.25 21.28 19.87
C GLU B 37 3.08 22.15 19.34
N LEU B 38 2.75 23.21 20.10
CA LEU B 38 1.84 24.29 19.68
C LEU B 38 2.14 24.81 18.26
N GLU B 39 3.39 25.17 18.02
CA GLU B 39 3.81 25.66 16.71
C GLU B 39 3.53 24.67 15.59
N PHE B 40 3.78 23.38 15.84
CA PHE B 40 3.56 22.35 14.83
C PHE B 40 2.08 22.18 14.50
N TYR B 41 1.25 21.99 15.52
CA TYR B 41 -0.19 21.95 15.35
C TYR B 41 -0.76 23.14 14.58
N LYS B 42 -0.36 24.37 14.93
CA LYS B 42 -0.78 25.60 14.22
C LYS B 42 -0.37 25.57 12.75
N ALA B 43 0.92 25.33 12.51
CA ALA B 43 1.50 25.36 11.16
C ALA B 43 0.88 24.37 10.16
N ILE B 44 0.41 23.21 10.63
CA ILE B 44 -0.37 22.29 9.78
C ILE B 44 -1.85 22.69 9.73
N GLN B 45 -2.45 22.89 10.90
CA GLN B 45 -3.90 23.10 11.02
C GLN B 45 -4.24 24.58 11.14
N GLY B 58 -5.27 13.21 -4.36
CA GLY B 58 -6.34 12.66 -3.55
C GLY B 58 -5.89 12.09 -2.21
N ASP B 59 -4.60 12.21 -1.91
CA ASP B 59 -4.02 11.70 -0.64
C ASP B 59 -4.48 12.54 0.52
N ALA B 60 -4.59 11.94 1.70
CA ALA B 60 -5.08 12.64 2.88
C ALA B 60 -3.96 13.52 3.41
N PRO B 61 -4.31 14.74 3.91
CA PRO B 61 -3.31 15.65 4.46
C PRO B 61 -2.83 15.14 5.81
N LEU B 62 -1.72 15.66 6.31
CA LEU B 62 -1.16 15.21 7.57
C LEU B 62 -2.04 15.56 8.79
N CYS B 63 -2.68 16.73 8.76
CA CYS B 63 -3.53 17.17 9.87
C CYS B 63 -4.75 16.28 10.06
N SER B 64 -5.07 15.48 9.06
CA SER B 64 -6.21 14.59 9.20
C SER B 64 -5.86 13.29 9.93
N TRP B 65 -4.56 12.97 10.02
CA TRP B 65 -4.06 11.84 10.82
C TRP B 65 -3.88 12.20 12.31
N MET B 66 -3.60 13.47 12.55
CA MET B 66 -3.37 14.05 13.85
C MET B 66 -4.70 14.36 14.53
N PRO B 67 -4.72 14.44 15.89
CA PRO B 67 -5.95 14.93 16.56
C PRO B 67 -6.38 16.28 16.02
N THR B 68 -7.70 16.48 15.87
CA THR B 68 -8.21 17.78 15.47
C THR B 68 -7.77 18.81 16.51
N TYR B 69 -7.25 19.91 16.01
CA TYR B 69 -6.70 20.97 16.82
C TYR B 69 -7.75 22.06 16.84
N LEU B 70 -8.09 22.51 18.05
CA LEU B 70 -9.13 23.51 18.25
C LEU B 70 -8.59 24.81 18.82
N GLY B 71 -7.42 24.75 19.44
CA GLY B 71 -6.75 25.95 19.90
C GLY B 71 -6.00 25.73 21.19
N VAL B 72 -5.54 26.81 21.79
CA VAL B 72 -4.76 26.74 23.02
C VAL B 72 -5.44 27.50 24.20
N LEU B 73 -4.92 27.30 25.40
CA LEU B 73 -5.55 27.77 26.59
C LEU B 73 -4.50 28.42 27.48
N ASN B 74 -4.75 29.68 27.85
CA ASN B 74 -4.14 30.23 29.04
C ASN B 74 -5.09 29.97 30.19
N GLU B 75 -4.80 28.91 30.97
CA GLU B 75 -5.69 28.38 32.03
C GLU B 75 -6.46 29.42 32.86
N SER B 111 -2.03 30.88 32.98
CA SER B 111 -0.95 31.22 32.07
C SER B 111 -0.06 30.03 31.66
N LYS B 112 -0.38 28.83 32.16
CA LYS B 112 0.20 27.57 31.66
C LYS B 112 -0.47 27.21 30.33
N GLN B 113 0.24 26.43 29.50
CA GLN B 113 -0.15 26.23 28.11
C GLN B 113 -0.86 24.87 27.84
N TYR B 114 -2.11 24.93 27.41
CA TYR B 114 -2.88 23.73 27.11
C TYR B 114 -3.38 23.72 25.69
N LEU B 115 -3.00 22.67 24.97
CA LEU B 115 -3.60 22.35 23.68
C LEU B 115 -4.99 21.77 23.85
N VAL B 116 -5.93 22.31 23.08
CA VAL B 116 -7.29 21.75 22.97
C VAL B 116 -7.39 20.87 21.71
N LEU B 117 -7.50 19.55 21.94
CA LEU B 117 -7.50 18.54 20.88
C LEU B 117 -8.72 17.65 20.97
N GLU B 118 -9.17 17.09 19.84
CA GLU B 118 -10.26 16.11 19.93
C GLU B 118 -9.77 14.90 20.76
N ASN B 119 -10.66 14.30 21.54
CA ASN B 119 -10.34 13.05 22.21
C ASN B 119 -10.44 11.88 21.21
N LEU B 120 -9.33 11.18 21.01
CA LEU B 120 -9.31 10.07 20.05
C LEU B 120 -10.07 8.86 20.60
N LEU B 121 -10.17 8.77 21.92
CA LEU B 121 -10.95 7.74 22.63
C LEU B 121 -12.45 7.99 22.61
N TYR B 122 -12.87 9.21 22.33
CA TYR B 122 -14.28 9.53 22.31
C TYR B 122 -15.03 8.54 21.44
N GLY B 123 -16.10 7.96 21.98
CA GLY B 123 -16.96 7.09 21.19
C GLY B 123 -16.60 5.61 21.19
N PHE B 124 -15.58 5.23 21.97
CA PHE B 124 -15.19 3.85 22.12
C PHE B 124 -15.70 3.37 23.47
N SER B 125 -16.36 2.22 23.46
CA SER B 125 -16.80 1.56 24.65
C SER B 125 -15.63 0.95 25.38
N LYS B 126 -14.92 0.03 24.71
CA LYS B 126 -13.74 -0.63 25.27
C LYS B 126 -12.49 -0.44 24.38
N PRO B 127 -11.90 0.78 24.38
CA PRO B 127 -10.77 1.04 23.49
C PRO B 127 -9.52 0.23 23.86
N ASN B 128 -8.89 -0.43 22.86
CA ASN B 128 -7.58 -1.04 23.08
C ASN B 128 -6.55 -0.25 22.30
N ILE B 129 -5.53 0.20 23.02
CA ILE B 129 -4.60 1.22 22.52
C ILE B 129 -3.18 0.66 22.38
N LEU B 130 -2.54 0.98 21.25
CA LEU B 130 -1.14 0.66 21.02
C LEU B 130 -0.38 1.93 20.58
N ASP B 131 0.66 2.28 21.33
CA ASP B 131 1.56 3.35 20.98
C ASP B 131 2.88 2.81 20.35
N ILE B 132 3.13 3.21 19.11
CA ILE B 132 4.35 2.86 18.39
C ILE B 132 5.12 4.12 18.00
N LYS B 133 6.34 4.23 18.54
CA LYS B 133 7.28 5.33 18.19
C LYS B 133 7.87 5.16 16.80
N LEU B 134 7.90 6.27 16.05
CA LEU B 134 8.35 6.22 14.66
C LEU B 134 9.75 6.80 14.45
N GLY B 135 10.53 6.11 13.61
CA GLY B 135 11.82 6.59 13.13
C GLY B 135 13.02 5.86 13.74
N LYS B 136 14.08 5.77 12.93
CA LYS B 136 15.37 5.18 13.32
C LYS B 136 16.17 6.11 14.25
N THR B 137 16.13 7.41 13.95
CA THR B 137 16.80 8.46 14.73
C THR B 137 15.82 9.03 15.78
N LEU B 138 16.31 9.21 17.01
CA LEU B 138 15.43 9.57 18.15
C LEU B 138 15.72 10.95 18.79
N TYR B 139 16.65 11.70 18.20
CA TYR B 139 17.00 13.04 18.66
C TYR B 139 16.75 14.09 17.57
N ASP B 140 16.50 15.34 17.99
CA ASP B 140 16.32 16.46 17.07
C ASP B 140 17.59 17.31 16.88
N SER B 141 17.55 18.18 15.87
CA SER B 141 18.63 19.12 15.56
C SER B 141 19.16 19.89 16.78
N LYS B 142 18.29 20.08 17.77
CA LYS B 142 18.56 20.96 18.91
C LYS B 142 18.96 20.21 20.19
N ALA B 143 19.16 18.90 20.10
CA ALA B 143 19.44 18.07 21.27
C ALA B 143 20.88 18.23 21.77
N SER B 144 21.06 18.20 23.08
CA SER B 144 22.40 18.26 23.69
C SER B 144 23.10 16.91 23.58
N LEU B 145 24.43 16.93 23.61
CA LEU B 145 25.23 15.68 23.61
C LEU B 145 24.79 14.71 24.72
N GLU B 146 24.35 15.28 25.84
CA GLU B 146 23.75 14.53 26.96
C GLU B 146 22.65 13.56 26.50
N LYS B 147 21.75 14.04 25.64
CA LYS B 147 20.65 13.20 25.16
C LYS B 147 20.85 12.61 23.75
N ARG B 148 21.59 13.32 22.89
CA ARG B 148 21.89 12.82 21.54
C ARG B 148 22.63 11.48 21.59
N GLU B 149 23.47 11.32 22.61
CA GLU B 149 24.23 10.07 22.81
C GLU B 149 23.44 9.04 23.61
N ARG B 150 22.25 9.45 24.06
CA ARG B 150 21.36 8.56 24.82
C ARG B 150 20.24 8.06 23.90
N MET B 151 19.97 8.84 22.86
CA MET B 151 18.98 8.47 21.86
C MET B 151 19.59 7.61 20.76
N LYS B 152 20.91 7.58 20.68
CA LYS B 152 21.58 6.63 19.81
C LYS B 152 21.64 5.26 20.48
N ARG B 153 21.74 5.27 21.80
CA ARG B 153 21.83 4.04 22.59
C ARG B 153 20.50 3.33 22.58
N VAL B 154 19.41 4.08 22.80
CA VAL B 154 18.04 3.57 22.70
C VAL B 154 17.74 3.03 21.30
N SER B 155 18.21 3.73 20.28
CA SER B 155 17.97 3.37 18.88
C SER B 155 18.63 2.04 18.48
N GLU B 156 19.89 1.88 18.85
CA GLU B 156 20.62 0.71 18.43
C GLU B 156 20.47 -0.47 19.41
N THR B 157 19.64 -0.31 20.44
CA THR B 157 19.35 -1.40 21.39
C THR B 157 17.87 -1.79 21.42
N THR B 158 17.09 -1.22 20.49
CA THR B 158 15.66 -1.53 20.33
C THR B 158 15.35 -1.69 18.83
N THR B 159 14.09 -1.96 18.47
CA THR B 159 13.70 -2.05 17.05
C THR B 159 13.73 -0.70 16.27
N SER B 160 13.72 0.43 16.99
CA SER B 160 13.82 1.75 16.35
C SER B 160 14.93 1.78 15.31
N GLY B 161 16.12 1.35 15.72
CA GLY B 161 17.30 1.46 14.91
C GLY B 161 17.37 0.48 13.76
N SER B 162 16.75 -0.70 13.93
CA SER B 162 16.74 -1.69 12.85
C SER B 162 15.48 -1.64 11.96
N LEU B 163 14.31 -1.45 12.58
CA LEU B 163 13.03 -1.49 11.85
C LEU B 163 12.41 -0.10 11.59
N GLY B 164 12.84 0.92 12.32
CA GLY B 164 12.27 2.26 12.16
C GLY B 164 11.05 2.52 13.04
N PHE B 165 10.73 1.59 13.94
CA PHE B 165 9.66 1.81 14.90
C PHE B 165 9.97 0.99 16.15
N ARG B 166 9.36 1.39 17.27
CA ARG B 166 9.28 0.50 18.41
C ARG B 166 7.99 0.70 19.16
N ILE B 167 7.59 -0.37 19.85
CA ILE B 167 6.39 -0.37 20.66
C ILE B 167 6.77 0.40 21.90
N CYS B 168 6.02 1.45 22.16
CA CYS B 168 6.24 2.30 23.30
C CYS B 168 5.38 1.83 24.48
N GLY B 169 4.14 1.42 24.22
CA GLY B 169 3.28 0.84 25.25
C GLY B 169 1.94 0.42 24.68
N MET B 170 1.17 -0.34 25.47
CA MET B 170 -0.23 -0.69 25.14
C MET B 170 -1.14 -0.60 26.35
N LYS B 171 -2.39 -0.18 26.12
CA LYS B 171 -3.43 -0.36 27.12
C LYS B 171 -4.54 -1.24 26.53
N ILE B 172 -4.62 -2.47 27.03
CA ILE B 172 -5.44 -3.49 26.43
C ILE B 172 -6.20 -4.29 27.48
N GLN B 173 -7.32 -4.86 27.09
CA GLN B 173 -8.09 -5.77 27.94
C GLN B 173 -7.32 -7.05 28.16
N LYS B 174 -7.15 -7.45 29.41
CA LYS B 174 -6.30 -8.61 29.68
C LYS B 174 -6.90 -9.92 29.17
N ASN B 175 -6.19 -10.51 28.22
CA ASN B 175 -6.44 -11.88 27.79
C ASN B 175 -5.73 -12.76 28.82
N PRO B 176 -6.48 -13.61 29.53
CA PRO B 176 -5.88 -14.48 30.57
C PRO B 176 -4.73 -15.35 30.07
N SER B 177 -4.63 -15.52 28.75
CA SER B 177 -3.54 -16.27 28.09
C SER B 177 -2.40 -15.36 27.65
N VAL B 178 -2.68 -14.06 27.55
CA VAL B 178 -1.66 -13.05 27.31
C VAL B 178 -0.79 -12.81 28.55
N LEU B 179 -1.39 -12.94 29.74
CA LEU B 179 -0.67 -12.82 31.01
C LEU B 179 0.65 -13.61 31.04
N ASN B 180 0.57 -14.92 31.25
CA ASN B 180 1.78 -15.75 31.44
C ASN B 180 2.58 -16.10 30.18
N GLN B 181 2.88 -15.05 29.41
CA GLN B 181 4.02 -15.02 28.49
C GLN B 181 4.89 -13.85 28.96
N LEU B 182 4.27 -12.96 29.74
CA LEU B 182 4.80 -11.64 30.07
C LEU B 182 5.42 -11.62 31.46
N SER B 183 6.68 -11.20 31.54
CA SER B 183 7.37 -11.01 32.82
C SER B 183 6.67 -9.93 33.64
N LEU B 184 6.76 -10.02 34.95
CA LEU B 184 6.06 -9.09 35.84
C LEU B 184 6.51 -7.62 35.68
N GLU B 185 7.70 -7.41 35.10
CA GLU B 185 8.27 -6.06 34.94
C GLU B 185 7.76 -5.36 33.70
N TYR B 186 7.05 -6.11 32.83
CA TYR B 186 6.59 -5.60 31.55
C TYR B 186 5.18 -4.98 31.57
N TYR B 187 4.44 -5.16 32.66
CA TYR B 187 3.05 -4.69 32.71
C TYR B 187 2.49 -4.34 34.10
N GLU B 188 1.53 -3.41 34.11
CA GLU B 188 0.77 -3.01 35.29
C GLU B 188 -0.61 -3.65 35.28
N GLU B 189 -0.98 -4.21 36.43
CA GLU B 189 -2.34 -4.67 36.72
C GLU B 189 -3.19 -3.49 37.20
N GLU B 190 -4.44 -3.45 36.78
CA GLU B 190 -5.47 -2.65 37.46
C GLU B 190 -6.26 -3.55 38.43
N ALA B 191 -6.21 -3.23 39.72
CA ALA B 191 -6.80 -4.07 40.77
C ALA B 191 -8.33 -4.27 40.63
N ASP B 192 -8.97 -3.33 39.90
CA ASP B 192 -10.42 -3.29 39.70
C ASP B 192 -10.81 -3.65 38.26
N SER B 193 -10.06 -3.06 37.31
CA SER B 193 -10.40 -3.07 35.88
C SER B 193 -9.93 -4.35 35.19
N ASP B 194 -10.43 -4.57 33.97
CA ASP B 194 -10.02 -5.72 33.16
C ASP B 194 -8.91 -5.36 32.15
N TYR B 195 -8.35 -4.15 32.29
CA TYR B 195 -7.25 -3.66 31.47
C TYR B 195 -5.89 -3.92 32.12
N ILE B 196 -4.88 -4.16 31.28
CA ILE B 196 -3.49 -4.10 31.75
C ILE B 196 -2.76 -3.06 30.92
N PHE B 197 -1.88 -2.30 31.56
CA PHE B 197 -0.97 -1.41 30.84
C PHE B 197 0.30 -2.20 30.57
N ILE B 198 0.70 -2.31 29.30
CA ILE B 198 2.04 -2.82 28.95
C ILE B 198 3.02 -1.66 28.71
N ASN B 199 4.15 -1.70 29.40
CA ASN B 199 5.07 -0.58 29.53
C ASN B 199 6.23 -0.55 28.54
N LYS B 200 7.06 0.48 28.69
CA LYS B 200 8.21 0.77 27.82
C LYS B 200 9.27 -0.33 27.88
N LEU B 201 9.39 -0.98 29.03
CA LEU B 201 10.34 -2.08 29.22
C LEU B 201 10.08 -3.16 28.17
N TYR B 202 8.82 -3.51 27.99
CA TYR B 202 8.40 -4.52 27.02
C TYR B 202 8.74 -4.16 25.55
N GLY B 203 8.36 -2.96 25.13
CA GLY B 203 8.71 -2.46 23.81
C GLY B 203 10.21 -2.32 23.60
N ARG B 204 10.90 -1.89 24.65
CA ARG B 204 12.36 -1.73 24.66
C ARG B 204 13.08 -3.09 24.55
N SER B 205 12.45 -4.15 25.03
CA SER B 205 13.05 -5.49 25.05
C SER B 205 12.82 -6.34 23.78
N ARG B 206 11.85 -5.95 22.94
CA ARG B 206 11.52 -6.68 21.72
C ARG B 206 12.69 -6.74 20.73
N THR B 207 12.82 -7.87 20.04
CA THR B 207 13.83 -8.01 18.99
C THR B 207 13.11 -7.93 17.63
N ASP B 208 13.88 -7.83 16.55
CA ASP B 208 13.31 -7.80 15.21
C ASP B 208 12.48 -9.06 14.95
N GLN B 209 12.87 -10.12 15.63
CA GLN B 209 12.31 -11.44 15.41
C GLN B 209 10.99 -11.66 16.15
N ASN B 210 10.74 -10.90 17.21
CA ASN B 210 9.49 -11.12 17.97
C ASN B 210 8.57 -9.93 18.11
N VAL B 211 8.95 -8.79 17.52
CA VAL B 211 8.14 -7.56 17.62
C VAL B 211 6.78 -7.76 16.94
N SER B 212 6.80 -8.56 15.88
CA SER B 212 5.66 -8.88 15.07
C SER B 212 4.61 -9.67 15.86
N ASP B 213 5.06 -10.64 16.68
CA ASP B 213 4.19 -11.32 17.65
C ASP B 213 3.64 -10.37 18.73
N ALA B 214 4.43 -9.35 19.09
CA ALA B 214 4.03 -8.32 20.04
C ALA B 214 2.88 -7.49 19.48
N ILE B 215 2.91 -7.20 18.19
CA ILE B 215 1.82 -6.45 17.55
C ILE B 215 0.57 -7.35 17.45
N GLU B 216 0.75 -8.62 17.15
CA GLU B 216 -0.37 -9.58 17.20
C GLU B 216 -0.95 -9.81 18.59
N LEU B 217 -0.09 -9.80 19.61
CA LEU B 217 -0.51 -9.76 21.00
C LEU B 217 -1.56 -8.65 21.23
N TYR B 218 -1.26 -7.44 20.76
CA TYR B 218 -2.21 -6.32 20.85
C TYR B 218 -3.61 -6.63 20.30
N PHE B 219 -3.69 -7.32 19.17
CA PHE B 219 -4.95 -7.64 18.49
C PHE B 219 -5.65 -8.87 19.06
N ASN B 220 -4.98 -9.58 19.94
CA ASN B 220 -5.49 -10.85 20.45
C ASN B 220 -6.50 -10.67 21.59
N ASN B 221 -7.49 -9.81 21.36
CA ASN B 221 -8.59 -9.60 22.31
C ASN B 221 -9.43 -10.86 22.49
N PRO B 222 -9.73 -11.22 23.75
CA PRO B 222 -10.51 -12.44 24.00
C PRO B 222 -12.01 -12.24 23.74
N HIS B 223 -12.44 -11.01 23.51
CA HIS B 223 -13.85 -10.71 23.27
C HIS B 223 -14.16 -10.66 21.76
N LEU B 224 -13.11 -10.62 20.95
CA LEU B 224 -13.27 -10.52 19.49
C LEU B 224 -13.08 -11.85 18.77
N SER B 225 -13.98 -12.15 17.82
CA SER B 225 -13.83 -13.33 16.97
C SER B 225 -12.58 -13.25 16.06
N ASP B 226 -12.19 -14.38 15.48
CA ASP B 226 -11.09 -14.39 14.52
C ASP B 226 -11.45 -13.62 13.26
N ALA B 227 -12.65 -13.83 12.73
CA ALA B 227 -13.13 -13.01 11.63
C ALA B 227 -12.84 -11.51 11.85
N ARG B 228 -13.17 -11.03 13.05
CA ARG B 228 -13.04 -9.63 13.44
C ARG B 228 -11.61 -9.20 13.66
N LYS B 229 -10.77 -10.06 14.22
CA LYS B 229 -9.36 -9.70 14.40
C LYS B 229 -8.68 -9.55 13.04
N HIS B 230 -9.05 -10.41 12.10
CA HIS B 230 -8.57 -10.36 10.72
C HIS B 230 -8.99 -9.09 9.97
N GLN B 231 -10.25 -8.68 10.15
CA GLN B 231 -10.74 -7.44 9.56
C GLN B 231 -9.99 -6.19 10.09
N LEU B 232 -9.65 -6.22 11.38
CA LEU B 232 -8.90 -5.13 12.01
C LEU B 232 -7.52 -4.95 11.39
N LYS B 233 -6.81 -6.08 11.28
CA LYS B 233 -5.51 -6.18 10.60
C LYS B 233 -5.54 -5.71 9.16
N LYS B 234 -6.63 -6.00 8.47
CA LYS B 234 -6.84 -5.62 7.07
C LYS B 234 -7.08 -4.11 6.96
N THR B 235 -7.86 -3.58 7.89
CA THR B 235 -8.18 -2.18 7.94
C THR B 235 -6.94 -1.37 8.31
N PHE B 236 -6.22 -1.79 9.36
CA PHE B 236 -4.95 -1.10 9.70
C PHE B 236 -3.89 -1.18 8.58
N LEU B 237 -3.85 -2.28 7.84
CA LEU B 237 -3.01 -2.35 6.64
C LEU B 237 -3.36 -1.27 5.62
N LYS B 238 -4.66 -1.08 5.35
CA LYS B 238 -5.14 -0.06 4.42
C LYS B 238 -4.85 1.34 4.90
N ARG B 239 -4.94 1.55 6.23
CA ARG B 239 -4.57 2.82 6.84
C ARG B 239 -3.09 3.14 6.66
N LEU B 240 -2.23 2.13 6.81
CA LEU B 240 -0.79 2.31 6.64
C LEU B 240 -0.44 2.60 5.19
N GLN B 241 -1.17 2.01 4.25
CA GLN B 241 -1.01 2.39 2.84
C GLN B 241 -1.30 3.87 2.67
N LEU B 242 -2.45 4.32 3.17
CA LEU B 242 -2.82 5.73 3.10
C LEU B 242 -1.84 6.64 3.86
N PHE B 243 -1.45 6.26 5.08
CA PHE B 243 -0.48 7.06 5.85
C PHE B 243 0.87 7.22 5.14
N TYR B 244 1.40 6.10 4.62
CA TYR B 244 2.59 6.09 3.78
C TYR B 244 2.46 7.06 2.59
N ASN B 245 1.32 7.00 1.90
CA ASN B 245 1.03 7.91 0.78
C ASN B 245 1.05 9.38 1.20
N THR B 246 0.36 9.71 2.28
CA THR B 246 0.49 11.01 2.94
C THR B 246 1.95 11.44 3.15
N MET B 247 2.76 10.57 3.74
CA MET B 247 4.14 10.94 4.11
C MET B 247 5.07 11.20 2.93
N LEU B 248 4.77 10.58 1.79
CA LEU B 248 5.55 10.83 0.59
C LEU B 248 5.51 12.32 0.18
N GLU B 249 4.52 13.04 0.71
CA GLU B 249 4.16 14.38 0.21
C GLU B 249 4.35 15.48 1.25
N GLU B 250 4.75 15.14 2.47
CA GLU B 250 4.81 16.11 3.54
C GLU B 250 6.24 16.49 3.85
N GLU B 251 6.51 17.79 3.88
CA GLU B 251 7.84 18.29 4.20
C GLU B 251 7.90 18.70 5.67
N VAL B 252 8.17 17.68 6.48
CA VAL B 252 8.21 17.80 7.93
C VAL B 252 9.39 16.95 8.38
N ARG B 253 9.88 17.21 9.58
CA ARG B 253 10.82 16.30 10.24
C ARG B 253 10.27 16.11 11.64
N MET B 254 9.85 14.87 11.91
CA MET B 254 9.16 14.50 13.15
C MET B 254 9.95 13.48 13.94
N ILE B 255 10.38 13.88 15.13
CA ILE B 255 11.23 13.06 15.98
C ILE B 255 10.39 12.57 17.16
N SER B 256 10.49 11.28 17.44
CA SER B 256 9.67 10.67 18.49
C SER B 256 8.16 10.97 18.42
N SER B 257 7.61 11.05 17.22
CA SER B 257 6.15 10.95 17.07
C SER B 257 5.74 9.48 17.24
N SER B 258 4.45 9.24 17.41
CA SER B 258 3.91 7.88 17.57
C SER B 258 2.73 7.64 16.65
N LEU B 259 2.63 6.43 16.11
CA LEU B 259 1.35 5.99 15.60
C LEU B 259 0.56 5.49 16.78
N LEU B 260 -0.71 5.89 16.84
CA LEU B 260 -1.58 5.44 17.91
C LEU B 260 -2.72 4.63 17.29
N PHE B 261 -2.77 3.36 17.66
CA PHE B 261 -3.80 2.46 17.17
C PHE B 261 -4.84 2.32 18.25
N ILE B 262 -6.11 2.44 17.88
CA ILE B 262 -7.20 2.16 18.82
C ILE B 262 -8.19 1.23 18.12
N TYR B 263 -8.67 0.21 18.82
CA TYR B 263 -9.79 -0.58 18.32
C TYR B 263 -10.85 -0.89 19.41
N GLU B 264 -12.07 -1.13 18.96
CA GLU B 264 -13.18 -1.45 19.85
C GLU B 264 -13.10 -2.90 20.33
N GLY B 265 -12.91 -3.09 21.63
CA GLY B 265 -12.96 -4.43 22.24
C GLY B 265 -14.37 -4.90 22.62
N ASP B 266 -15.37 -4.04 22.46
CA ASP B 266 -16.76 -4.36 22.82
C ASP B 266 -17.57 -4.99 21.67
N PRO B 267 -17.90 -6.30 21.77
CA PRO B 267 -18.62 -7.02 20.71
C PRO B 267 -20.01 -6.40 20.47
N GLU B 268 -20.62 -5.94 21.56
CA GLU B 268 -21.94 -5.34 21.48
C GLU B 268 -21.92 -4.12 20.58
N ARG B 269 -20.80 -3.40 20.56
CA ARG B 269 -20.64 -2.28 19.64
C ARG B 269 -20.33 -2.71 18.20
N TRP B 270 -19.59 -3.81 18.01
CA TRP B 270 -19.43 -4.39 16.69
C TRP B 270 -20.77 -4.84 16.11
N GLU B 271 -21.59 -5.54 16.92
CA GLU B 271 -22.93 -5.98 16.49
C GLU B 271 -23.78 -4.78 16.06
N LEU B 272 -23.85 -3.77 16.94
CA LEU B 272 -24.52 -2.49 16.68
C LEU B 272 -24.18 -1.85 15.33
N LEU B 273 -22.90 -1.79 14.97
CA LEU B 273 -22.48 -1.11 13.73
C LEU B 273 -22.41 -2.05 12.53
N ASN B 274 -22.78 -3.32 12.75
CA ASN B 274 -22.76 -4.37 11.72
C ASN B 274 -21.35 -4.68 11.16
N ASP B 275 -20.36 -4.63 12.05
CA ASP B 275 -18.94 -4.84 11.74
C ASP B 275 -18.40 -3.83 10.73
N VAL B 276 -19.12 -2.72 10.54
CA VAL B 276 -18.72 -1.67 9.61
C VAL B 276 -17.75 -0.72 10.30
N ASP B 277 -16.55 -0.63 9.74
CA ASP B 277 -15.52 0.29 10.22
C ASP B 277 -15.41 1.46 9.24
N LYS B 278 -14.71 2.51 9.66
CA LYS B 278 -14.37 3.60 8.74
C LYS B 278 -12.87 3.71 8.61
N LEU B 279 -12.40 3.72 7.36
CA LEU B 279 -10.98 3.80 7.04
C LEU B 279 -10.39 5.10 7.59
N MET B 280 -10.95 6.24 7.18
CA MET B 280 -10.51 7.51 7.75
C MET B 280 -11.33 7.84 8.98
N ARG B 281 -10.64 8.36 10.00
CA ARG B 281 -11.22 8.73 11.30
C ARG B 281 -12.30 9.80 11.09
N ASP B 282 -13.44 9.62 11.74
CA ASP B 282 -14.60 10.49 11.54
C ASP B 282 -14.31 12.01 11.62
N ASP B 283 -14.50 12.70 10.50
CA ASP B 283 -14.33 14.17 10.36
C ASP B 283 -15.21 14.97 11.36
N PHE B 284 -14.85 16.25 11.60
CA PHE B 284 -15.58 17.11 12.55
C PHE B 284 -15.37 18.63 12.34
N ILE B 285 -14.32 19.02 11.59
CA ILE B 285 -13.94 20.45 11.45
C ILE B 285 -14.43 21.17 10.17
N ASP B 286 -14.98 22.36 10.36
CA ASP B 286 -15.49 23.24 9.30
C ASP B 286 -14.41 23.57 8.26
N SER B 317 -16.46 4.75 14.49
CA SER B 317 -15.48 3.80 13.99
C SER B 317 -15.21 2.68 15.00
N LEU B 318 -14.76 1.52 14.52
CA LEU B 318 -14.48 0.36 15.36
C LEU B 318 -12.97 0.25 15.62
N SER B 319 -12.25 1.15 14.97
CA SER B 319 -10.81 1.32 15.10
C SER B 319 -10.39 2.65 14.47
N SER B 320 -9.24 3.16 14.90
CA SER B 320 -8.62 4.29 14.22
C SER B 320 -7.10 4.19 14.34
N MET B 321 -6.40 4.89 13.43
CA MET B 321 -4.98 5.07 13.54
C MET B 321 -4.71 6.56 13.39
N SER B 322 -3.86 7.11 14.25
CA SER B 322 -3.59 8.53 14.31
C SER B 322 -2.10 8.77 14.58
N LEU B 323 -1.69 10.01 14.37
CA LEU B 323 -0.32 10.37 14.60
C LEU B 323 -0.33 11.43 15.69
N ILE B 324 0.47 11.21 16.72
CA ILE B 324 0.45 12.07 17.88
C ILE B 324 1.87 12.41 18.34
N ASP B 325 2.00 13.48 19.13
CA ASP B 325 3.25 13.78 19.85
C ASP B 325 4.26 14.57 19.03
N PHE B 326 4.14 15.89 19.06
CA PHE B 326 4.90 16.76 18.16
C PHE B 326 5.87 17.71 18.84
N ALA B 327 6.27 17.34 20.05
CA ALA B 327 7.15 18.13 20.90
C ALA B 327 8.51 18.32 20.24
N HIS B 328 8.83 17.43 19.30
CA HIS B 328 10.12 17.45 18.62
C HIS B 328 9.94 17.36 17.11
N SER B 329 8.82 17.88 16.62
CA SER B 329 8.51 17.88 15.19
C SER B 329 8.56 19.31 14.64
N GLU B 330 8.94 19.42 13.38
CA GLU B 330 8.83 20.70 12.69
C GLU B 330 8.48 20.51 11.23
N ILE B 331 7.86 21.54 10.67
CA ILE B 331 7.57 21.60 9.26
C ILE B 331 8.80 22.19 8.58
N THR B 332 9.26 21.53 7.53
CA THR B 332 10.54 21.86 6.92
C THR B 332 10.40 22.05 5.40
N PRO B 333 9.80 23.20 4.98
CA PRO B 333 9.54 23.49 3.55
C PRO B 333 10.78 23.35 2.67
N GLY B 334 10.59 22.73 1.50
CA GLY B 334 11.67 22.52 0.55
C GLY B 334 12.70 21.47 0.94
N LYS B 335 12.55 20.85 2.11
CA LYS B 335 13.54 19.86 2.54
C LYS B 335 13.14 18.43 2.20
N GLY B 336 12.02 18.30 1.49
CA GLY B 336 11.54 17.00 1.04
C GLY B 336 10.89 16.21 2.16
N TYR B 337 10.59 14.94 1.85
CA TYR B 337 9.78 14.08 2.68
C TYR B 337 10.57 13.36 3.80
N ASP B 338 9.88 13.03 4.90
CA ASP B 338 10.46 12.54 6.16
C ASP B 338 10.75 11.04 6.10
N GLU B 339 11.95 10.71 5.64
CA GLU B 339 12.37 9.34 5.37
C GLU B 339 12.59 8.55 6.65
N ASN B 340 13.07 9.25 7.69
CA ASN B 340 13.29 8.65 8.99
C ASN B 340 12.00 8.01 9.51
N VAL B 341 10.88 8.71 9.36
CA VAL B 341 9.59 8.19 9.76
C VAL B 341 9.04 7.21 8.74
N ILE B 342 9.28 7.45 7.46
CA ILE B 342 8.73 6.59 6.42
C ILE B 342 9.27 5.16 6.40
N GLU B 343 10.48 4.95 6.91
CA GLU B 343 11.08 3.61 6.96
C GLU B 343 10.36 2.72 7.97
N GLY B 344 9.85 3.36 9.03
CA GLY B 344 9.07 2.67 10.04
C GLY B 344 7.73 2.26 9.46
N VAL B 345 7.14 3.13 8.65
CA VAL B 345 5.87 2.85 8.01
C VAL B 345 6.01 1.69 7.03
N GLU B 346 7.10 1.66 6.28
CA GLU B 346 7.34 0.59 5.32
C GLU B 346 7.45 -0.77 5.99
N THR B 347 8.13 -0.81 7.13
CA THR B 347 8.31 -2.04 7.89
C THR B 347 6.99 -2.52 8.47
N LEU B 348 6.19 -1.60 8.96
CA LEU B 348 4.87 -1.93 9.51
C LEU B 348 3.93 -2.52 8.44
N LEU B 349 3.96 -1.97 7.22
CA LEU B 349 3.20 -2.51 6.09
C LEU B 349 3.54 -3.98 5.78
N ASP B 350 4.83 -4.29 5.72
CA ASP B 350 5.33 -5.67 5.56
C ASP B 350 4.81 -6.63 6.62
N ILE B 351 4.91 -6.20 7.86
CA ILE B 351 4.43 -6.95 8.98
C ILE B 351 2.92 -7.19 8.83
N PHE B 352 2.16 -6.15 8.49
CA PHE B 352 0.71 -6.32 8.35
C PHE B 352 0.32 -7.15 7.14
N MET B 353 1.06 -6.99 6.05
CA MET B 353 0.89 -7.87 4.89
C MET B 353 1.22 -9.32 5.21
N LYS B 354 2.21 -9.54 6.07
CA LYS B 354 2.52 -10.91 6.51
C LYS B 354 1.45 -11.51 7.43
N PHE B 355 0.83 -10.68 8.26
CA PHE B 355 -0.38 -11.10 9.00
C PHE B 355 -1.43 -11.73 8.09
N LEU B 356 -1.65 -11.15 6.92
CA LEU B 356 -2.79 -11.56 6.10
C LEU B 356 -2.52 -12.78 5.25
N GLU B 357 -1.24 -13.13 5.16
CA GLU B 357 -0.75 -14.26 4.40
C GLU B 357 -1.09 -15.58 5.09
#